data_6RGH
#
_entry.id   6RGH
#
_cell.length_a   56.230
_cell.length_b   84.129
_cell.length_c   112.356
_cell.angle_alpha   90.00
_cell.angle_beta   90.00
_cell.angle_gamma   90.00
#
_symmetry.space_group_name_H-M   'P 21 21 21'
#
loop_
_entity.id
_entity.type
_entity.pdbx_description
1 polymer 'Laccase 2'
2 branched 2-acetamido-2-deoxy-beta-D-glucopyranose-(1-4)-2-acetamido-2-deoxy-beta-D-glucopyranose
3 branched beta-D-mannopyranose-(1-4)-2-acetamido-2-deoxy-beta-D-glucopyranose-(1-4)-2-acetamido-2-deoxy-beta-D-glucopyranose
4 non-polymer 'COPPER (II) ION'
5 water water
#
_entity_poly.entity_id   1
_entity_poly.type   'polypeptide(L)'
_entity_poly.pdbx_seq_one_letter_code
;AQIGPVTDLHITNANISPDGFSRPAVLAGGTFPGPTIAGNTGDNFQITVFNDLTDPSMLTDTSIHWHGLFQKGTNWADGP
AFVTQCPIITGQSFDYNFNVPGQAGTFWYHSHLSTQYCDGLRGPFVVYDPNDPNASLYDVDDDTTIITLADWYHTLAQQE
PIGAAITADATLINGLGRSFTNTTASPLSVITVQSGKRYRMRLVSISCDPNYLFSIDGHDMTIIEVDGVNSQQLTVDQIQ
IFAAQRYSFVLNANQPVGNYWIRAQPNSGGQGFDGGINSAILRYEGATVEDPTTTAPTTFSNPLVETDLHPLADLGVPGQ
PFRGGADDPLVLNLAFANGRFSIDGVSFVPPTVPVLLQILSGAQNAQDLLPAGSVISLPSNSVIEVALPAGAAGGPHPFH
LHGHNFAVVQSANNATPNYVNPIWRDTVSIGGTGDNVTIRFTTNNPGPWFLHCHIDWHLEAGFAIVFAEDIPDTASANPV
PQAWSDLCPAYDQAHNISA
;
_entity_poly.pdbx_strand_id   A
#
# COMPACT_ATOMS: atom_id res chain seq x y z
N ALA A 1 3.84 20.77 6.11
CA ALA A 1 2.67 20.51 7.01
C ALA A 1 1.81 19.34 6.57
N GLN A 2 1.24 18.66 7.56
CA GLN A 2 0.26 17.63 7.34
C GLN A 2 -1.08 18.29 7.09
N ILE A 3 -1.95 17.68 6.35
CA ILE A 3 -3.28 18.19 6.09
C ILE A 3 -4.31 17.18 6.61
N GLY A 4 -5.52 17.64 6.80
CA GLY A 4 -6.59 16.80 7.29
C GLY A 4 -6.81 16.95 8.77
N PRO A 5 -7.84 16.27 9.32
CA PRO A 5 -8.63 15.24 8.59
C PRO A 5 -9.67 15.76 7.62
N VAL A 6 -10.00 17.08 7.72
CA VAL A 6 -10.88 17.69 6.70
C VAL A 6 -10.00 18.59 5.82
N THR A 7 -9.94 18.30 4.53
CA THR A 7 -9.12 19.02 3.62
C THR A 7 -9.58 18.88 2.19
N ASP A 8 -9.24 19.89 1.33
CA ASP A 8 -9.29 19.71 -0.07
C ASP A 8 -7.96 19.02 -0.48
N LEU A 9 -8.01 18.38 -1.66
CA LEU A 9 -6.82 17.74 -2.22
C LEU A 9 -6.95 17.87 -3.72
N HIS A 10 -6.11 18.67 -4.36
CA HIS A 10 -6.17 18.86 -5.81
C HIS A 10 -5.20 17.88 -6.49
N ILE A 11 -5.68 17.28 -7.56
CA ILE A 11 -4.93 16.34 -8.37
C ILE A 11 -4.61 17.02 -9.68
N THR A 12 -3.33 17.23 -9.95
CA THR A 12 -2.89 18.04 -11.08
C THR A 12 -1.82 17.33 -11.86
N ASN A 13 -1.59 17.79 -13.09
CA ASN A 13 -0.42 17.46 -13.82
C ASN A 13 0.69 18.51 -13.68
N ALA A 14 1.95 18.08 -13.54
CA ALA A 14 3.10 18.97 -13.48
C ALA A 14 4.30 18.19 -13.90
N ASN A 15 5.35 18.94 -14.28
CA ASN A 15 6.68 18.33 -14.43
C ASN A 15 7.40 18.20 -13.10
N ILE A 16 8.09 17.08 -12.91
CA ILE A 16 8.98 16.90 -11.77
C ILE A 16 10.26 16.22 -12.24
N SER A 17 11.31 16.35 -11.42
CA SER A 17 12.60 15.81 -11.71
C SER A 17 13.24 15.23 -10.44
N PRO A 18 12.64 14.20 -9.85
CA PRO A 18 13.08 13.74 -8.54
C PRO A 18 14.45 13.08 -8.53
N ASP A 19 14.92 12.65 -9.70
CA ASP A 19 16.20 12.00 -9.94
C ASP A 19 17.03 12.79 -10.97
N GLY A 20 16.64 14.03 -11.22
CA GLY A 20 17.30 14.88 -12.23
C GLY A 20 16.76 14.74 -13.64
N PHE A 21 15.85 13.83 -13.90
CA PHE A 21 15.25 13.62 -15.22
C PHE A 21 13.83 14.21 -15.15
N SER A 22 13.53 15.14 -16.06
CA SER A 22 12.19 15.79 -16.03
C SER A 22 11.16 14.93 -16.79
N ARG A 23 10.02 14.72 -16.15
CA ARG A 23 8.86 14.14 -16.82
C ARG A 23 7.59 14.67 -16.22
N PRO A 24 6.49 14.62 -16.99
CA PRO A 24 5.20 14.98 -16.41
C PRO A 24 4.73 13.89 -15.45
N ALA A 25 3.82 14.29 -14.55
CA ALA A 25 3.34 13.43 -13.47
C ALA A 25 1.91 13.76 -13.17
N VAL A 26 1.32 12.88 -12.33
CA VAL A 26 0.01 13.05 -11.72
C VAL A 26 0.28 13.23 -10.23
N LEU A 27 -0.04 14.40 -9.68
CA LEU A 27 0.31 14.75 -8.33
C LEU A 27 -0.87 15.10 -7.49
N ALA A 28 -0.83 14.69 -6.21
CA ALA A 28 -1.73 15.20 -5.19
C ALA A 28 -1.01 16.30 -4.43
N GLY A 29 -1.66 17.46 -4.25
CA GLY A 29 -1.04 18.50 -3.47
C GLY A 29 0.21 19.10 -4.07
N GLY A 30 0.41 18.92 -5.36
CA GLY A 30 1.54 19.55 -6.03
C GLY A 30 2.88 18.93 -5.80
N THR A 31 2.99 17.78 -5.12
CA THR A 31 4.29 17.25 -4.80
C THR A 31 4.34 15.73 -5.00
N PHE A 32 5.54 15.22 -5.14
CA PHE A 32 5.80 13.78 -5.05
C PHE A 32 6.70 13.46 -3.92
N PRO A 33 6.34 12.54 -3.02
CA PRO A 33 4.98 12.04 -2.84
C PRO A 33 4.05 13.18 -2.44
N GLY A 34 2.77 12.89 -2.45
CA GLY A 34 1.78 13.85 -1.99
C GLY A 34 1.93 14.20 -0.53
N PRO A 35 1.26 15.23 -0.06
CA PRO A 35 1.33 15.60 1.33
C PRO A 35 0.75 14.51 2.22
N THR A 36 1.22 14.51 3.46
CA THR A 36 0.66 13.57 4.44
C THR A 36 -0.74 14.01 4.84
N ILE A 37 -1.70 13.09 4.73
CA ILE A 37 -3.02 13.28 5.30
C ILE A 37 -3.00 12.64 6.65
N ALA A 38 -3.47 13.38 7.68
CA ALA A 38 -3.39 12.88 9.06
C ALA A 38 -4.58 13.29 9.89
N GLY A 39 -4.81 12.47 10.91
CA GLY A 39 -5.73 12.78 11.99
C GLY A 39 -5.51 11.80 13.12
N ASN A 40 -6.46 11.78 14.06
CA ASN A 40 -6.43 10.86 15.17
C ASN A 40 -7.40 9.73 15.01
N THR A 41 -7.16 8.63 15.74
CA THR A 41 -8.07 7.49 15.70
C THR A 41 -9.50 7.96 15.96
N GLY A 42 -10.42 7.38 15.19
CA GLY A 42 -11.83 7.70 15.30
C GLY A 42 -12.28 8.96 14.57
N ASP A 43 -11.34 9.75 14.03
CA ASP A 43 -11.73 11.00 13.42
C ASP A 43 -12.58 10.73 12.13
N ASN A 44 -13.35 11.79 11.82
CA ASN A 44 -13.99 11.94 10.53
C ASN A 44 -13.05 12.57 9.55
N PHE A 45 -12.68 11.83 8.52
CA PHE A 45 -11.94 12.37 7.39
C PHE A 45 -12.90 12.79 6.33
N GLN A 46 -12.72 14.02 5.81
CA GLN A 46 -13.47 14.45 4.63
C GLN A 46 -12.44 15.01 3.67
N ILE A 47 -12.05 14.22 2.72
CA ILE A 47 -11.02 14.59 1.75
C ILE A 47 -11.76 14.91 0.48
N THR A 48 -11.88 16.21 0.17
CA THR A 48 -12.58 16.63 -1.03
C THR A 48 -11.55 16.67 -2.13
N VAL A 49 -11.62 15.69 -3.03
CA VAL A 49 -10.66 15.49 -4.10
C VAL A 49 -11.12 16.25 -5.32
N PHE A 50 -10.29 17.19 -5.77
CA PHE A 50 -10.55 18.00 -6.95
C PHE A 50 -9.71 17.43 -8.09
N ASN A 51 -10.36 16.84 -9.09
CA ASN A 51 -9.68 16.33 -10.25
C ASN A 51 -9.44 17.48 -11.24
N ASP A 52 -8.21 17.94 -11.32
CA ASP A 52 -7.83 19.03 -12.22
C ASP A 52 -6.93 18.51 -13.33
N LEU A 53 -6.97 17.23 -13.66
CA LEU A 53 -6.06 16.64 -14.63
C LEU A 53 -6.50 16.97 -16.06
N THR A 54 -5.50 17.33 -16.86
CA THR A 54 -5.74 17.67 -18.27
C THR A 54 -4.96 16.86 -19.29
N ASP A 55 -3.92 16.10 -18.83
CA ASP A 55 -3.05 15.40 -19.75
C ASP A 55 -3.51 13.96 -19.94
N PRO A 56 -4.09 13.60 -21.08
CA PRO A 56 -4.61 12.25 -21.24
C PRO A 56 -3.56 11.16 -21.26
N SER A 57 -2.29 11.51 -21.39
CA SER A 57 -1.23 10.48 -21.40
C SER A 57 -1.10 9.76 -20.07
N MET A 58 -1.67 10.35 -18.99
CA MET A 58 -1.66 9.72 -17.69
C MET A 58 -3.08 9.53 -17.12
N LEU A 59 -4.07 9.68 -18.00
CA LEU A 59 -5.50 9.58 -17.75
C LEU A 59 -6.00 10.83 -17.03
N THR A 60 -7.09 11.43 -17.56
CA THR A 60 -7.66 12.61 -16.92
C THR A 60 -8.74 12.29 -15.89
N ASP A 61 -9.14 11.01 -15.80
CA ASP A 61 -10.03 10.58 -14.72
C ASP A 61 -9.16 10.18 -13.51
N THR A 62 -9.76 10.09 -12.32
CA THR A 62 -9.02 9.58 -11.15
C THR A 62 -9.95 9.00 -10.13
N SER A 63 -9.40 8.22 -9.22
CA SER A 63 -10.13 7.66 -8.07
C SER A 63 -9.08 7.39 -7.01
N ILE A 64 -9.37 7.71 -5.75
CA ILE A 64 -8.31 7.55 -4.70
C ILE A 64 -8.80 6.59 -3.64
N HIS A 65 -7.87 5.70 -3.27
CA HIS A 65 -8.09 4.74 -2.19
C HIS A 65 -7.22 5.06 -1.00
N TRP A 66 -7.79 4.74 0.20
CA TRP A 66 -7.18 5.06 1.46
C TRP A 66 -6.73 3.69 2.00
N HIS A 67 -5.48 3.34 1.69
CA HIS A 67 -5.00 1.96 1.81
C HIS A 67 -4.84 1.56 3.25
N GLY A 68 -5.61 0.52 3.63
CA GLY A 68 -5.60 -0.08 4.96
C GLY A 68 -6.70 0.40 5.86
N LEU A 69 -7.48 1.42 5.45
CA LEU A 69 -8.60 1.88 6.23
C LEU A 69 -9.83 1.08 5.85
N PHE A 70 -10.55 0.58 6.92
CA PHE A 70 -11.55 -0.46 6.66
C PHE A 70 -12.83 0.01 5.99
N GLN A 71 -13.17 1.33 6.09
CA GLN A 71 -14.36 1.84 5.40
C GLN A 71 -15.66 1.14 5.79
N LYS A 72 -15.78 0.74 7.07
CA LYS A 72 -16.98 0.00 7.47
C LYS A 72 -18.19 0.97 7.40
N GLY A 73 -19.19 0.57 6.65
CA GLY A 73 -20.36 1.42 6.40
C GLY A 73 -20.16 2.49 5.35
N THR A 74 -18.96 2.63 4.81
CA THR A 74 -18.64 3.60 3.78
C THR A 74 -17.89 2.92 2.65
N ASN A 75 -18.36 1.75 2.21
CA ASN A 75 -17.71 1.06 1.09
C ASN A 75 -17.60 1.92 -0.14
N TRP A 76 -18.60 2.80 -0.34
CA TRP A 76 -18.62 3.74 -1.48
C TRP A 76 -17.44 4.69 -1.51
N ALA A 77 -16.74 4.88 -0.39
CA ALA A 77 -15.60 5.81 -0.28
C ALA A 77 -14.26 5.10 -0.46
N ASP A 78 -14.26 3.77 -0.74
CA ASP A 78 -13.03 3.02 -0.71
C ASP A 78 -12.09 3.37 -1.87
N GLY A 79 -12.64 3.71 -3.04
CA GLY A 79 -11.81 4.15 -4.16
C GLY A 79 -11.47 3.22 -5.30
N PRO A 80 -11.46 1.89 -5.21
CA PRO A 80 -11.01 1.12 -6.39
C PRO A 80 -11.98 1.29 -7.54
N ALA A 81 -11.45 1.73 -8.68
CA ALA A 81 -12.30 2.04 -9.84
C ALA A 81 -13.02 0.82 -10.32
N PHE A 82 -14.33 0.96 -10.52
CA PHE A 82 -15.20 -0.08 -11.02
C PHE A 82 -15.46 -1.23 -10.03
N VAL A 83 -14.96 -1.05 -8.81
CA VAL A 83 -15.28 -1.93 -7.69
C VAL A 83 -16.26 -1.19 -6.77
N THR A 84 -15.87 -0.01 -6.30
CA THR A 84 -16.72 0.77 -5.42
C THR A 84 -17.22 2.10 -5.97
N GLN A 85 -16.65 2.55 -7.10
CA GLN A 85 -17.13 3.79 -7.74
C GLN A 85 -16.76 3.83 -9.17
N CYS A 86 -17.45 4.72 -9.94
CA CYS A 86 -16.87 5.19 -11.19
C CYS A 86 -15.84 6.28 -10.89
N PRO A 87 -14.84 6.45 -11.74
CA PRO A 87 -13.87 7.52 -11.52
C PRO A 87 -14.53 8.92 -11.52
N ILE A 88 -13.83 9.81 -10.84
CA ILE A 88 -14.11 11.27 -10.88
C ILE A 88 -13.57 11.80 -12.21
N ILE A 89 -14.38 12.58 -12.94
CA ILE A 89 -13.94 13.14 -14.19
C ILE A 89 -13.28 14.50 -13.97
N THR A 90 -12.50 14.92 -14.97
CA THR A 90 -11.80 16.20 -14.83
C THR A 90 -12.73 17.36 -14.70
N GLY A 91 -12.35 18.33 -13.91
CA GLY A 91 -13.15 19.48 -13.61
C GLY A 91 -14.24 19.27 -12.56
N GLN A 92 -14.28 18.08 -11.96
CA GLN A 92 -15.23 17.75 -10.91
C GLN A 92 -14.47 17.38 -9.65
N SER A 93 -15.21 17.35 -8.54
CA SER A 93 -14.67 16.99 -7.25
C SER A 93 -15.57 16.04 -6.52
N PHE A 94 -15.05 15.40 -5.47
CA PHE A 94 -15.77 14.38 -4.75
C PHE A 94 -15.28 14.29 -3.33
N ASP A 95 -16.19 14.36 -2.37
CA ASP A 95 -15.83 14.28 -0.98
C ASP A 95 -15.83 12.82 -0.47
N TYR A 96 -14.62 12.30 -0.24
CA TYR A 96 -14.45 11.01 0.46
C TYR A 96 -14.62 11.33 1.94
N ASN A 97 -15.79 10.97 2.47
CA ASN A 97 -16.23 11.32 3.80
C ASN A 97 -16.43 10.03 4.61
N PHE A 98 -15.47 9.72 5.50
CA PHE A 98 -15.47 8.44 6.18
C PHE A 98 -14.89 8.63 7.55
N ASN A 99 -14.95 7.59 8.39
CA ASN A 99 -14.44 7.62 9.74
C ASN A 99 -13.45 6.48 9.90
N VAL A 100 -12.57 6.64 10.90
CA VAL A 100 -11.52 5.61 11.18
C VAL A 100 -11.65 5.08 12.63
N PRO A 101 -12.80 4.51 12.98
CA PRO A 101 -12.91 3.91 14.30
C PRO A 101 -11.97 2.72 14.44
N GLY A 102 -11.37 2.56 15.63
CA GLY A 102 -10.66 1.35 15.96
C GLY A 102 -9.36 1.14 15.18
N GLN A 103 -8.89 2.14 14.45
CA GLN A 103 -7.64 2.00 13.74
C GLN A 103 -6.70 3.16 14.12
N ALA A 104 -5.44 2.85 14.20
CA ALA A 104 -4.41 3.87 14.46
C ALA A 104 -3.09 3.24 13.98
N GLY A 105 -2.36 4.01 13.16
CA GLY A 105 -1.14 3.47 12.59
C GLY A 105 -0.80 4.21 11.31
N THR A 106 0.02 3.55 10.51
CA THR A 106 0.62 4.11 9.33
C THR A 106 -0.03 3.51 8.09
N PHE A 107 -0.60 4.38 7.25
CA PHE A 107 -1.32 4.01 6.07
C PHE A 107 -0.78 4.86 4.90
N TRP A 108 -1.48 4.78 3.74
CA TRP A 108 -1.13 5.63 2.60
C TRP A 108 -2.34 5.75 1.72
N TYR A 109 -2.29 6.73 0.81
CA TYR A 109 -3.32 6.88 -0.18
C TYR A 109 -2.70 6.82 -1.57
N HIS A 110 -3.51 6.36 -2.53
CA HIS A 110 -2.97 6.22 -3.88
C HIS A 110 -4.10 6.15 -4.86
N SER A 111 -3.83 6.60 -6.11
CA SER A 111 -4.81 6.38 -7.18
C SER A 111 -5.11 4.88 -7.25
N HIS A 112 -6.36 4.60 -7.55
CA HIS A 112 -6.82 3.21 -7.73
C HIS A 112 -7.55 3.07 -9.05
N LEU A 113 -7.04 3.82 -10.04
CA LEU A 113 -7.47 3.71 -11.46
C LEU A 113 -6.26 3.28 -12.29
N SER A 114 -6.39 2.17 -12.98
CA SER A 114 -5.31 1.74 -13.89
C SER A 114 -3.96 1.72 -13.11
N THR A 115 -2.91 2.10 -13.78
CA THR A 115 -1.56 2.20 -13.22
C THR A 115 -1.22 3.65 -12.88
N GLN A 116 -2.26 4.49 -12.66
CA GLN A 116 -2.04 5.88 -12.44
C GLN A 116 -1.25 6.21 -11.18
N TYR A 117 -1.30 5.39 -10.12
CA TYR A 117 -0.50 5.79 -8.96
C TYR A 117 1.01 5.77 -9.27
N CYS A 118 1.39 4.95 -10.24
CA CYS A 118 2.80 4.93 -10.61
C CYS A 118 3.25 6.28 -11.15
N ASP A 119 2.35 6.98 -11.85
CA ASP A 119 2.63 8.31 -12.41
C ASP A 119 2.69 9.40 -11.35
N GLY A 120 2.40 9.11 -10.08
CA GLY A 120 2.75 10.02 -9.02
C GLY A 120 1.76 10.21 -7.90
N LEU A 121 0.55 9.67 -8.05
CA LEU A 121 -0.54 9.97 -7.10
C LEU A 121 -0.44 8.98 -5.93
N ARG A 122 0.41 9.29 -4.98
CA ARG A 122 0.70 8.40 -3.82
C ARG A 122 1.20 9.28 -2.72
N GLY A 123 0.77 9.05 -1.47
CA GLY A 123 1.30 9.82 -0.36
C GLY A 123 0.95 9.14 0.97
N PRO A 124 1.55 9.57 2.06
CA PRO A 124 1.32 8.94 3.37
C PRO A 124 0.00 9.37 3.98
N PHE A 125 -0.53 8.48 4.87
CA PHE A 125 -1.80 8.73 5.53
C PHE A 125 -1.59 8.22 6.96
N VAL A 126 -1.57 9.07 7.97
CA VAL A 126 -1.23 8.66 9.33
C VAL A 126 -2.37 8.93 10.25
N VAL A 127 -2.75 7.91 11.04
CA VAL A 127 -3.80 8.00 12.04
C VAL A 127 -3.10 7.84 13.39
N TYR A 128 -2.89 8.94 14.08
CA TYR A 128 -2.23 8.94 15.36
C TYR A 128 -3.15 8.45 16.48
N ASP A 129 -2.55 7.93 17.54
CA ASP A 129 -3.26 7.45 18.73
C ASP A 129 -2.85 8.31 19.92
N PRO A 130 -3.76 9.17 20.43
CA PRO A 130 -3.43 9.98 21.57
C PRO A 130 -3.06 9.21 22.81
N ASN A 131 -3.45 7.93 22.86
CA ASN A 131 -3.22 7.02 23.96
C ASN A 131 -2.39 5.80 23.48
N ASP A 132 -1.48 6.04 22.55
CA ASP A 132 -0.72 4.96 21.89
C ASP A 132 -0.04 4.13 22.96
N PRO A 133 -0.21 2.81 22.96
CA PRO A 133 0.46 1.98 23.95
C PRO A 133 1.98 1.96 23.74
N ASN A 134 2.47 2.39 22.58
CA ASN A 134 3.87 2.44 22.30
C ASN A 134 4.48 3.83 22.56
N ALA A 135 3.69 4.78 23.08
CA ALA A 135 4.17 6.16 23.15
C ALA A 135 5.47 6.33 23.90
N SER A 136 5.71 5.58 24.96
CA SER A 136 6.87 5.76 25.79
C SER A 136 8.13 5.20 25.16
N LEU A 137 8.04 4.55 23.99
CA LEU A 137 9.20 3.99 23.38
C LEU A 137 10.01 4.99 22.54
N TYR A 138 9.49 6.20 22.32
CA TYR A 138 10.15 7.17 21.48
C TYR A 138 9.79 8.56 21.93
N ASP A 139 10.58 9.54 21.43
CA ASP A 139 10.44 10.93 21.73
C ASP A 139 9.80 11.75 20.61
N VAL A 140 10.05 11.37 19.38
CA VAL A 140 9.67 12.22 18.21
C VAL A 140 8.87 11.32 17.26
N ASP A 141 7.71 11.83 16.82
CA ASP A 141 6.87 11.14 15.87
C ASP A 141 6.07 12.23 15.13
N ASP A 142 6.49 12.58 13.92
CA ASP A 142 5.85 13.70 13.20
C ASP A 142 6.16 13.57 11.74
N ASP A 143 5.87 14.63 10.96
CA ASP A 143 6.05 14.47 9.52
C ASP A 143 7.50 14.23 9.13
N THR A 144 8.45 14.64 9.99
CA THR A 144 9.83 14.47 9.72
C THR A 144 10.31 13.04 9.97
N THR A 145 9.50 12.15 10.54
CA THR A 145 9.88 10.77 10.80
C THR A 145 9.17 9.80 9.87
N ILE A 146 8.47 10.28 8.87
CA ILE A 146 7.93 9.43 7.82
C ILE A 146 8.98 9.20 6.77
N ILE A 147 9.16 7.96 6.38
CA ILE A 147 10.13 7.57 5.32
C ILE A 147 9.36 6.83 4.25
N THR A 148 9.23 7.43 3.06
CA THR A 148 8.60 6.74 1.95
C THR A 148 9.64 6.13 1.03
N LEU A 149 9.36 4.94 0.52
CA LEU A 149 10.15 4.25 -0.47
C LEU A 149 9.32 4.11 -1.73
N ALA A 150 9.87 4.63 -2.86
CA ALA A 150 9.13 4.66 -4.10
C ALA A 150 10.01 4.25 -5.27
N ASP A 151 9.41 3.53 -6.19
CA ASP A 151 9.96 3.28 -7.50
C ASP A 151 9.52 4.39 -8.44
N TRP A 152 10.42 4.81 -9.32
CA TRP A 152 10.13 5.94 -10.23
C TRP A 152 10.59 5.56 -11.64
N TYR A 153 9.73 5.86 -12.61
CA TYR A 153 9.94 5.44 -13.98
C TYR A 153 10.07 6.66 -14.87
N HIS A 154 10.96 6.59 -15.86
CA HIS A 154 11.04 7.65 -16.87
C HIS A 154 9.93 7.54 -17.92
N THR A 155 9.57 6.32 -18.28
CA THR A 155 8.48 6.04 -19.18
C THR A 155 7.19 6.18 -18.40
N LEU A 156 6.19 6.85 -19.01
CA LEU A 156 4.87 7.01 -18.44
C LEU A 156 4.16 5.67 -18.33
N ALA A 157 3.35 5.50 -17.28
CA ALA A 157 2.70 4.19 -17.02
C ALA A 157 1.88 3.70 -18.16
N GLN A 158 1.08 4.59 -18.80
CA GLN A 158 0.24 4.14 -19.91
C GLN A 158 1.02 3.83 -21.17
N GLN A 159 2.29 4.23 -21.20
CA GLN A 159 3.18 4.18 -22.39
C GLN A 159 4.22 3.10 -22.23
N GLU A 160 4.10 2.24 -21.22
CA GLU A 160 4.99 1.08 -21.05
C GLU A 160 4.63 0.12 -22.16
N PRO A 161 5.58 -0.18 -23.06
CA PRO A 161 5.18 -0.97 -24.22
C PRO A 161 4.78 -2.38 -23.91
N ILE A 162 3.71 -2.81 -24.58
CA ILE A 162 3.23 -4.17 -24.54
C ILE A 162 4.33 -5.14 -24.95
N GLY A 163 4.66 -6.09 -24.09
CA GLY A 163 5.64 -7.09 -24.49
C GLY A 163 7.09 -6.92 -24.03
N ALA A 164 7.42 -5.77 -23.43
CA ALA A 164 8.74 -5.47 -22.89
C ALA A 164 8.70 -5.45 -21.33
N ALA A 165 9.79 -5.85 -20.69
CA ALA A 165 9.90 -5.92 -19.30
C ALA A 165 9.87 -4.50 -18.74
N ILE A 166 9.16 -4.38 -17.61
CA ILE A 166 9.00 -3.08 -16.94
C ILE A 166 9.90 -3.07 -15.75
N THR A 167 10.88 -2.17 -15.71
N THR A 167 10.77 -2.07 -15.67
CA THR A 167 11.62 -1.88 -14.47
CA THR A 167 11.80 -1.92 -14.64
C THR A 167 11.79 -0.42 -14.29
N ALA A 168 11.98 -0.04 -13.06
CA ALA A 168 12.08 1.36 -12.70
C ALA A 168 13.42 1.93 -13.08
N ASP A 169 13.50 3.24 -13.04
CA ASP A 169 14.70 4.04 -13.32
C ASP A 169 15.38 4.66 -12.13
N ALA A 170 14.69 4.75 -10.97
CA ALA A 170 15.29 5.28 -9.78
C ALA A 170 14.47 4.76 -8.59
N THR A 171 15.17 4.62 -7.48
CA THR A 171 14.58 4.53 -6.14
C THR A 171 14.56 5.90 -5.50
N LEU A 172 13.39 6.32 -5.02
CA LEU A 172 13.22 7.60 -4.37
C LEU A 172 12.91 7.33 -2.89
N ILE A 173 13.67 7.96 -2.02
CA ILE A 173 13.43 7.89 -0.56
C ILE A 173 12.99 9.29 -0.17
N ASN A 174 11.82 9.44 0.40
CA ASN A 174 11.27 10.78 0.66
C ASN A 174 11.33 11.67 -0.60
N GLY A 175 11.03 11.06 -1.73
CA GLY A 175 10.87 11.82 -2.96
C GLY A 175 12.12 12.07 -3.77
N LEU A 176 13.29 11.70 -3.29
CA LEU A 176 14.53 12.03 -3.99
C LEU A 176 15.40 10.77 -4.08
N GLY A 177 16.18 10.71 -5.16
CA GLY A 177 17.14 9.65 -5.32
C GLY A 177 17.74 9.76 -6.71
N ARG A 178 18.65 8.85 -7.03
CA ARG A 178 19.40 8.98 -8.28
C ARG A 178 19.07 7.85 -9.28
N SER A 179 19.18 8.21 -10.55
CA SER A 179 18.79 7.29 -11.61
C SER A 179 19.81 6.16 -11.77
N PHE A 180 19.31 4.97 -12.10
CA PHE A 180 20.19 3.81 -12.24
C PHE A 180 21.13 3.88 -13.43
N THR A 181 20.65 4.46 -14.50
CA THR A 181 21.46 4.73 -15.68
C THR A 181 21.51 6.24 -15.92
N ASN A 182 22.56 6.68 -16.62
CA ASN A 182 22.82 8.12 -16.75
C ASN A 182 22.77 8.83 -15.39
N THR A 183 23.38 8.21 -14.36
CA THR A 183 23.24 8.72 -13.03
C THR A 183 23.80 10.12 -12.95
N THR A 184 23.03 11.03 -12.42
CA THR A 184 23.57 12.34 -12.05
C THR A 184 23.46 12.60 -10.55
N ALA A 185 24.31 13.47 -10.08
CA ALA A 185 24.47 13.73 -8.65
C ALA A 185 23.41 14.71 -8.15
N SER A 186 22.17 14.31 -8.35
CA SER A 186 21.04 15.09 -7.95
C SER A 186 20.88 14.97 -6.44
N PRO A 187 20.11 15.84 -5.80
CA PRO A 187 20.09 15.83 -4.35
C PRO A 187 19.50 14.57 -3.75
N LEU A 188 20.10 14.10 -2.68
CA LEU A 188 19.57 13.00 -1.87
C LEU A 188 18.76 13.52 -0.71
N SER A 189 17.77 12.73 -0.26
CA SER A 189 17.06 13.14 0.94
C SER A 189 17.92 13.00 2.18
N VAL A 190 17.66 13.87 3.12
CA VAL A 190 18.29 13.87 4.41
C VAL A 190 17.24 13.72 5.47
N ILE A 191 17.47 12.78 6.41
CA ILE A 191 16.63 12.56 7.56
C ILE A 191 17.51 13.01 8.74
N THR A 192 17.01 13.98 9.49
CA THR A 192 17.82 14.54 10.57
C THR A 192 17.39 14.04 11.93
N VAL A 193 18.35 13.63 12.77
CA VAL A 193 18.08 13.18 14.13
C VAL A 193 19.05 13.93 15.08
N GLN A 194 18.65 14.00 16.36
CA GLN A 194 19.44 14.56 17.43
C GLN A 194 19.99 13.42 18.33
N SER A 195 21.31 13.47 18.52
CA SER A 195 21.98 12.49 19.38
C SER A 195 21.25 12.34 20.72
N GLY A 196 20.94 11.13 21.08
CA GLY A 196 20.30 10.82 22.35
C GLY A 196 18.78 10.66 22.27
N LYS A 197 18.13 11.14 21.22
CA LYS A 197 16.70 10.98 21.09
C LYS A 197 16.30 9.70 20.35
N ARG A 198 15.04 9.36 20.52
CA ARG A 198 14.45 8.16 19.94
CA ARG A 198 14.46 8.15 19.88
C ARG A 198 13.30 8.61 19.00
N TYR A 199 13.21 7.99 17.85
CA TYR A 199 12.31 8.42 16.80
C TYR A 199 11.40 7.26 16.38
N ARG A 200 10.12 7.55 16.23
CA ARG A 200 9.20 6.60 15.56
C ARG A 200 9.27 6.84 14.08
N MET A 201 10.12 6.06 13.40
CA MET A 201 10.20 6.12 11.95
C MET A 201 9.07 5.29 11.35
N ARG A 202 8.26 5.99 10.54
CA ARG A 202 7.10 5.39 9.88
C ARG A 202 7.50 5.09 8.43
N LEU A 203 7.86 3.84 8.18
CA LEU A 203 8.38 3.38 6.93
C LEU A 203 7.24 2.91 6.04
N VAL A 204 7.08 3.60 4.88
CA VAL A 204 5.94 3.36 4.00
C VAL A 204 6.44 2.96 2.62
N SER A 205 6.10 1.75 2.19
CA SER A 205 6.34 1.43 0.79
C SER A 205 5.14 1.92 -0.05
N ILE A 206 5.47 2.93 -0.90
CA ILE A 206 4.52 3.40 -1.88
C ILE A 206 4.86 2.86 -3.27
N SER A 207 5.53 1.69 -3.30
CA SER A 207 5.96 1.08 -4.53
C SER A 207 4.84 0.61 -5.41
N CYS A 208 5.04 0.79 -6.75
CA CYS A 208 4.25 0.12 -7.74
C CYS A 208 4.70 -1.30 -8.03
N ASP A 209 5.88 -1.69 -7.58
CA ASP A 209 6.41 -3.02 -7.94
C ASP A 209 7.45 -3.52 -6.97
N PRO A 210 8.71 -3.01 -7.00
CA PRO A 210 9.76 -3.74 -6.23
C PRO A 210 9.52 -3.72 -4.75
N ASN A 211 10.05 -4.81 -4.16
CA ASN A 211 10.31 -4.81 -2.75
C ASN A 211 11.71 -4.23 -2.47
N TYR A 212 11.89 -3.71 -1.25
CA TYR A 212 13.17 -3.10 -0.90
C TYR A 212 13.77 -3.79 0.31
N LEU A 213 15.08 -3.94 0.28
CA LEU A 213 15.86 -4.30 1.47
C LEU A 213 16.32 -3.02 2.10
N PHE A 214 15.65 -2.61 3.18
CA PHE A 214 15.85 -1.33 3.84
C PHE A 214 16.75 -1.48 5.05
N SER A 215 17.77 -0.64 5.17
CA SER A 215 18.67 -0.64 6.32
C SER A 215 19.24 0.75 6.53
N ILE A 216 19.84 0.95 7.69
CA ILE A 216 20.53 2.20 8.01
C ILE A 216 21.89 1.86 8.62
N ASP A 217 22.96 2.25 7.93
CA ASP A 217 24.29 1.86 8.37
C ASP A 217 24.46 2.27 9.81
N GLY A 218 25.08 1.36 10.59
CA GLY A 218 25.41 1.64 11.96
C GLY A 218 24.30 1.52 12.96
N HIS A 219 23.07 1.36 12.48
CA HIS A 219 21.90 1.42 13.34
C HIS A 219 21.16 0.10 13.19
C HIS A 219 20.75 0.39 13.33
N ASP A 220 20.29 -0.13 14.18
N ASP A 220 20.42 -0.13 14.50
CA ASP A 220 19.28 -1.16 14.08
CA ASP A 220 19.29 -1.10 14.59
C ASP A 220 17.92 -0.47 14.36
N MET A 221 16.88 -1.28 14.20
CA MET A 221 15.53 -0.77 14.04
C MET A 221 14.63 -1.68 14.85
N THR A 222 13.82 -1.06 15.74
CA THR A 222 12.95 -1.88 16.62
C THR A 222 11.51 -1.75 16.16
N ILE A 223 11.01 -2.74 15.47
CA ILE A 223 9.65 -2.69 14.91
C ILE A 223 8.63 -2.69 16.02
N ILE A 224 7.66 -1.79 15.90
CA ILE A 224 6.55 -1.63 16.82
C ILE A 224 5.18 -1.61 16.19
N GLU A 225 5.12 -1.61 14.84
CA GLU A 225 3.86 -1.56 14.14
C GLU A 225 4.08 -2.22 12.77
N VAL A 226 3.07 -2.96 12.29
CA VAL A 226 3.10 -3.68 11.02
C VAL A 226 1.77 -3.39 10.34
N ASP A 227 1.78 -2.64 9.22
CA ASP A 227 0.54 -2.37 8.47
C ASP A 227 -0.63 -1.93 9.38
N GLY A 228 -0.36 -0.99 10.30
CA GLY A 228 -1.39 -0.51 11.18
C GLY A 228 -1.58 -1.29 12.47
N VAL A 229 -0.94 -2.43 12.64
CA VAL A 229 -1.15 -3.31 13.79
C VAL A 229 0.03 -3.18 14.73
N ASN A 230 -0.22 -2.78 15.96
CA ASN A 230 0.85 -2.70 16.93
C ASN A 230 1.48 -4.07 17.14
N SER A 231 2.81 -4.10 17.18
CA SER A 231 3.54 -5.36 17.43
C SER A 231 4.33 -5.28 18.71
N GLN A 232 4.68 -6.46 19.23
CA GLN A 232 5.74 -6.54 20.20
C GLN A 232 7.01 -6.01 19.56
N GLN A 233 7.90 -5.48 20.39
CA GLN A 233 9.17 -4.92 19.91
C GLN A 233 9.98 -6.03 19.26
N LEU A 234 10.43 -5.83 18.04
CA LEU A 234 11.30 -6.76 17.34
C LEU A 234 12.48 -6.03 16.75
N THR A 235 13.69 -6.26 17.23
CA THR A 235 14.88 -5.52 16.74
C THR A 235 15.45 -6.28 15.54
N VAL A 236 15.67 -5.54 14.47
CA VAL A 236 16.24 -6.03 13.24
C VAL A 236 17.27 -5.07 12.72
N ASP A 237 18.14 -5.53 11.82
CA ASP A 237 19.06 -4.59 11.15
C ASP A 237 18.75 -4.46 9.66
N GLN A 238 17.74 -5.13 9.12
CA GLN A 238 17.33 -4.99 7.74
C GLN A 238 15.87 -5.35 7.69
N ILE A 239 15.11 -4.63 6.87
CA ILE A 239 13.67 -4.91 6.66
C ILE A 239 13.43 -5.11 5.18
N GLN A 240 13.03 -6.32 4.76
CA GLN A 240 12.52 -6.50 3.40
C GLN A 240 11.06 -6.09 3.39
N ILE A 241 10.74 -4.99 2.69
CA ILE A 241 9.42 -4.39 2.70
C ILE A 241 8.82 -4.50 1.30
N PHE A 242 7.67 -5.12 1.18
CA PHE A 242 7.01 -5.33 -0.07
C PHE A 242 6.06 -4.17 -0.39
N ALA A 243 5.65 -4.10 -1.65
CA ALA A 243 4.80 -2.98 -2.11
C ALA A 243 3.59 -2.86 -1.21
N ALA A 244 3.37 -1.62 -0.72
CA ALA A 244 2.19 -1.21 0.03
C ALA A 244 2.25 -1.51 1.51
N GLN A 245 3.27 -2.22 1.99
CA GLN A 245 3.44 -2.51 3.41
C GLN A 245 3.95 -1.28 4.16
N ARG A 246 3.75 -1.28 5.48
CA ARG A 246 4.27 -0.25 6.35
C ARG A 246 4.83 -0.88 7.62
N TYR A 247 5.86 -0.27 8.16
CA TYR A 247 6.34 -0.59 9.52
C TYR A 247 6.62 0.69 10.26
N SER A 248 6.32 0.74 11.56
CA SER A 248 6.98 1.71 12.39
C SER A 248 8.12 1.04 13.10
N PHE A 249 9.29 1.72 13.15
CA PHE A 249 10.39 1.24 13.93
C PHE A 249 10.97 2.35 14.76
N VAL A 250 11.44 1.99 15.95
CA VAL A 250 12.17 2.94 16.76
C VAL A 250 13.59 3.00 16.28
N LEU A 251 14.03 4.21 15.99
CA LEU A 251 15.45 4.52 15.68
C LEU A 251 15.98 5.25 16.88
N ASN A 252 16.97 4.66 17.52
CA ASN A 252 17.69 5.29 18.65
C ASN A 252 18.88 5.97 18.05
N ALA A 253 18.96 7.30 18.21
CA ALA A 253 20.09 8.06 17.68
C ALA A 253 21.27 7.94 18.63
N ASN A 254 21.82 6.72 18.66
CA ASN A 254 22.80 6.29 19.63
C ASN A 254 24.17 6.02 19.05
N GLN A 255 24.43 6.46 17.85
CA GLN A 255 25.72 6.34 17.23
C GLN A 255 26.45 7.69 17.26
N PRO A 256 27.74 7.70 16.97
CA PRO A 256 28.42 8.98 17.02
C PRO A 256 27.83 10.02 16.06
N VAL A 257 27.80 11.28 16.49
CA VAL A 257 27.32 12.32 15.60
C VAL A 257 28.08 12.19 14.26
N GLY A 258 27.33 12.13 13.18
CA GLY A 258 27.89 11.89 11.88
C GLY A 258 26.81 11.70 10.83
N ASN A 259 27.23 11.18 9.70
CA ASN A 259 26.38 10.86 8.55
C ASN A 259 26.40 9.37 8.29
N TYR A 260 25.23 8.77 8.07
CA TYR A 260 25.08 7.33 7.85
C TYR A 260 24.23 7.09 6.62
N TRP A 261 24.61 6.17 5.77
CA TRP A 261 23.75 5.86 4.65
C TRP A 261 22.49 5.16 5.09
N ILE A 262 21.39 5.62 4.47
CA ILE A 262 20.10 4.93 4.45
C ILE A 262 20.00 4.17 3.13
N ARG A 263 19.75 2.89 3.15
CA ARG A 263 19.81 2.04 2.01
C ARG A 263 18.42 1.47 1.73
N ALA A 264 18.04 1.44 0.44
CA ALA A 264 16.76 0.79 0.04
C ALA A 264 17.04 0.08 -1.28
N GLN A 265 17.38 -1.21 -1.21
CA GLN A 265 17.77 -1.98 -2.42
C GLN A 265 16.56 -2.67 -3.03
N PRO A 266 16.12 -2.22 -4.22
CA PRO A 266 14.99 -2.91 -4.86
C PRO A 266 15.40 -4.27 -5.41
N ASN A 267 14.41 -5.15 -5.58
CA ASN A 267 14.68 -6.48 -6.12
C ASN A 267 14.87 -6.51 -7.61
N SER A 268 14.55 -5.46 -8.32
CA SER A 268 14.76 -5.24 -9.72
C SER A 268 15.30 -3.83 -9.90
N GLY A 269 15.74 -3.48 -11.10
CA GLY A 269 16.42 -2.23 -11.32
C GLY A 269 17.83 -2.26 -10.78
N GLY A 270 18.37 -1.07 -10.51
CA GLY A 270 19.77 -0.96 -10.19
C GLY A 270 20.17 -1.70 -8.93
N GLN A 271 21.25 -2.45 -9.01
CA GLN A 271 21.78 -3.20 -7.90
C GLN A 271 22.97 -2.50 -7.36
N GLY A 272 22.99 -2.32 -6.04
CA GLY A 272 24.07 -1.65 -5.38
C GLY A 272 23.79 -0.17 -5.23
N PHE A 273 24.86 0.57 -4.97
CA PHE A 273 24.79 1.95 -4.48
C PHE A 273 25.77 2.86 -5.21
N ASP A 274 26.29 2.41 -6.34
CA ASP A 274 27.28 3.23 -7.11
C ASP A 274 26.64 4.59 -7.43
N GLY A 275 27.42 5.65 -7.26
CA GLY A 275 26.93 6.98 -7.50
C GLY A 275 25.85 7.49 -6.60
N GLY A 276 25.57 6.78 -5.54
CA GLY A 276 24.52 7.13 -4.61
C GLY A 276 23.11 6.78 -5.00
N ILE A 277 22.96 5.84 -5.93
CA ILE A 277 21.63 5.28 -6.16
C ILE A 277 21.15 4.52 -4.92
N ASN A 278 19.85 4.32 -4.81
CA ASN A 278 19.27 3.46 -3.76
C ASN A 278 19.58 3.97 -2.35
N SER A 279 19.82 5.29 -2.21
CA SER A 279 20.38 5.85 -1.01
C SER A 279 19.70 7.12 -0.56
N ALA A 280 19.75 7.35 0.74
CA ALA A 280 19.47 8.61 1.39
C ALA A 280 20.49 8.81 2.53
N ILE A 281 20.39 9.92 3.28
CA ILE A 281 21.36 10.22 4.32
C ILE A 281 20.68 10.43 5.65
N LEU A 282 21.15 9.70 6.67
CA LEU A 282 20.77 9.98 8.07
C LEU A 282 21.85 10.90 8.59
N ARG A 283 21.46 12.11 8.97
CA ARG A 283 22.41 13.15 9.46
C ARG A 283 22.06 13.53 10.88
N TYR A 284 23.05 13.42 11.78
CA TYR A 284 22.87 13.89 13.12
C TYR A 284 23.06 15.42 13.17
N GLU A 285 22.30 16.08 14.00
CA GLU A 285 22.50 17.49 14.27
C GLU A 285 23.93 17.71 14.71
N GLY A 286 24.60 18.71 14.11
CA GLY A 286 26.00 18.98 14.41
C GLY A 286 27.03 18.25 13.55
N ALA A 287 26.60 17.25 12.76
CA ALA A 287 27.46 16.59 11.79
C ALA A 287 27.84 17.56 10.65
N THR A 288 28.96 17.31 10.00
CA THR A 288 29.37 18.01 8.81
C THR A 288 28.36 17.72 7.70
N VAL A 289 28.11 18.72 6.85
CA VAL A 289 27.24 18.49 5.72
C VAL A 289 28.05 17.86 4.60
N GLU A 290 28.07 16.57 4.57
CA GLU A 290 28.87 15.76 3.63
C GLU A 290 28.23 14.37 3.55
N ASP A 291 28.52 13.65 2.50
CA ASP A 291 27.98 12.30 2.38
C ASP A 291 28.55 11.38 3.45
N PRO A 292 27.76 10.40 3.89
CA PRO A 292 28.32 9.31 4.70
C PRO A 292 29.51 8.63 4.02
N THR A 293 30.33 8.03 4.83
CA THR A 293 31.41 7.17 4.42
C THR A 293 31.24 5.73 4.95
N THR A 294 30.09 5.41 5.51
CA THR A 294 29.80 4.12 6.05
C THR A 294 29.58 3.07 5.00
N THR A 295 29.68 1.79 5.42
CA THR A 295 29.32 0.67 4.54
C THR A 295 28.32 -0.23 5.23
N ALA A 296 27.58 -0.93 4.40
CA ALA A 296 26.79 -2.05 4.86
C ALA A 296 27.65 -3.22 5.27
N PRO A 297 27.17 -4.14 6.09
CA PRO A 297 27.84 -5.42 6.20
C PRO A 297 27.68 -6.24 4.89
N THR A 298 28.50 -7.31 4.77
CA THR A 298 28.26 -8.27 3.70
C THR A 298 27.00 -9.06 3.94
N THR A 299 26.75 -9.44 5.21
CA THR A 299 25.62 -10.20 5.60
C THR A 299 25.02 -9.51 6.80
N PHE A 300 23.73 -9.30 6.75
CA PHE A 300 23.00 -8.66 7.88
C PHE A 300 22.81 -9.67 9.01
N SER A 301 22.88 -9.20 10.26
CA SER A 301 22.83 -10.06 11.42
C SER A 301 21.42 -10.51 11.82
N ASN A 302 20.46 -9.62 11.66
CA ASN A 302 19.13 -9.84 12.18
C ASN A 302 18.09 -9.32 11.19
N PRO A 303 18.01 -9.92 10.02
CA PRO A 303 16.99 -9.48 9.08
C PRO A 303 15.58 -9.77 9.63
N LEU A 304 14.64 -8.93 9.23
CA LEU A 304 13.21 -9.27 9.53
C LEU A 304 12.83 -10.59 8.88
N VAL A 305 12.16 -11.43 9.68
CA VAL A 305 11.51 -12.65 9.24
C VAL A 305 10.07 -12.50 9.75
N GLU A 306 9.10 -12.65 8.88
CA GLU A 306 7.71 -12.29 9.23
C GLU A 306 7.15 -13.10 10.40
N THR A 307 7.59 -14.37 10.53
CA THR A 307 7.12 -15.23 11.63
C THR A 307 7.64 -14.76 12.98
N ASP A 308 8.68 -13.91 13.00
CA ASP A 308 9.18 -13.35 14.26
C ASP A 308 8.27 -12.27 14.83
N LEU A 309 7.41 -11.67 14.01
CA LEU A 309 6.55 -10.59 14.46
C LEU A 309 5.34 -11.18 15.21
N HIS A 310 4.91 -10.48 16.25
CA HIS A 310 3.69 -10.90 16.99
C HIS A 310 2.92 -9.64 17.39
N PRO A 311 1.59 -9.69 17.42
CA PRO A 311 0.83 -8.53 17.89
C PRO A 311 1.15 -8.13 19.31
N LEU A 312 1.09 -6.83 19.58
CA LEU A 312 1.15 -6.32 20.92
C LEU A 312 -0.05 -6.73 21.73
N ALA A 313 -1.22 -6.65 21.16
CA ALA A 313 -2.44 -7.09 21.83
C ALA A 313 -2.60 -8.60 21.62
N ASP A 314 -3.50 -9.19 22.40
CA ASP A 314 -3.81 -10.61 22.30
C ASP A 314 -4.84 -10.77 21.21
N LEU A 315 -4.41 -10.84 19.97
CA LEU A 315 -5.31 -10.92 18.83
C LEU A 315 -5.71 -12.34 18.44
N GLY A 316 -4.84 -13.28 18.75
CA GLY A 316 -5.06 -14.69 18.41
C GLY A 316 -5.28 -14.89 16.91
N VAL A 317 -6.00 -15.97 16.60
CA VAL A 317 -6.33 -16.34 15.25
C VAL A 317 -7.77 -16.86 15.25
N PRO A 318 -8.65 -16.39 14.39
CA PRO A 318 -10.01 -16.92 14.40
C PRO A 318 -10.04 -18.33 13.78
N GLY A 319 -11.07 -19.09 14.12
CA GLY A 319 -11.19 -20.42 13.59
C GLY A 319 -10.50 -21.49 14.39
N GLN A 320 -10.22 -22.62 13.77
CA GLN A 320 -9.64 -23.79 14.44
C GLN A 320 -8.20 -23.96 13.98
N PRO A 321 -7.37 -24.61 14.79
CA PRO A 321 -5.95 -24.60 14.53
C PRO A 321 -5.46 -25.69 13.59
N PHE A 322 -5.95 -25.66 12.36
CA PHE A 322 -5.55 -26.57 11.31
C PHE A 322 -6.03 -26.05 9.97
N ARG A 323 -5.41 -26.54 8.92
CA ARG A 323 -5.76 -26.08 7.55
C ARG A 323 -7.21 -26.37 7.28
N GLY A 324 -7.93 -25.39 6.73
CA GLY A 324 -9.34 -25.59 6.49
C GLY A 324 -10.23 -25.41 7.71
N GLY A 325 -9.66 -25.06 8.84
CA GLY A 325 -10.43 -24.87 10.05
C GLY A 325 -11.10 -23.48 10.13
N ALA A 326 -12.03 -23.28 9.21
CA ALA A 326 -12.74 -22.00 9.11
C ALA A 326 -14.09 -22.28 8.57
N ASP A 327 -15.02 -21.36 8.75
CA ASP A 327 -16.37 -21.48 8.20
C ASP A 327 -16.34 -21.54 6.68
N ASP A 328 -15.50 -20.70 6.07
CA ASP A 328 -15.40 -20.61 4.61
C ASP A 328 -13.92 -20.70 4.23
N PRO A 329 -13.40 -21.94 4.11
CA PRO A 329 -12.02 -22.13 3.74
C PRO A 329 -11.82 -22.15 2.24
N LEU A 330 -10.98 -21.28 1.75
CA LEU A 330 -10.71 -21.12 0.32
C LEU A 330 -9.26 -21.40 0.02
N VAL A 331 -9.04 -21.87 -1.18
CA VAL A 331 -7.68 -22.01 -1.74
C VAL A 331 -7.74 -21.43 -3.14
N LEU A 332 -7.02 -20.36 -3.39
CA LEU A 332 -7.07 -19.71 -4.70
C LEU A 332 -5.98 -20.28 -5.62
N ASN A 333 -6.34 -20.47 -6.89
CA ASN A 333 -5.38 -20.91 -7.90
C ASN A 333 -4.89 -19.62 -8.61
N LEU A 334 -3.69 -19.22 -8.28
CA LEU A 334 -3.10 -17.95 -8.74
C LEU A 334 -2.14 -18.26 -9.87
N ALA A 335 -2.39 -17.74 -11.05
CA ALA A 335 -1.60 -18.17 -12.22
C ALA A 335 -1.32 -17.00 -13.13
N PHE A 336 -0.32 -17.22 -14.00
CA PHE A 336 0.07 -16.25 -15.04
C PHE A 336 0.33 -17.00 -16.30
N ALA A 337 -0.17 -16.48 -17.42
CA ALA A 337 0.25 -16.97 -18.73
C ALA A 337 -0.05 -15.91 -19.77
N ASN A 338 0.84 -15.82 -20.74
CA ASN A 338 0.60 -15.03 -21.96
C ASN A 338 0.24 -13.58 -21.69
N GLY A 339 0.88 -13.00 -20.67
CA GLY A 339 0.73 -11.57 -20.36
C GLY A 339 -0.40 -11.29 -19.37
N ARG A 340 -1.18 -12.30 -18.98
CA ARG A 340 -2.31 -12.08 -18.06
C ARG A 340 -2.22 -12.95 -16.83
N PHE A 341 -2.58 -12.38 -15.72
CA PHE A 341 -2.79 -13.13 -14.47
C PHE A 341 -4.21 -13.59 -14.38
N SER A 342 -4.42 -14.64 -13.58
CA SER A 342 -5.75 -15.15 -13.32
C SER A 342 -5.83 -15.66 -11.87
N ILE A 343 -7.08 -15.59 -11.38
CA ILE A 343 -7.44 -16.20 -10.09
C ILE A 343 -8.59 -17.14 -10.37
N ASP A 344 -8.38 -18.42 -10.02
CA ASP A 344 -9.34 -19.51 -10.32
C ASP A 344 -9.80 -19.49 -11.73
N GLY A 345 -8.83 -19.21 -12.62
CA GLY A 345 -9.08 -19.32 -14.06
C GLY A 345 -9.60 -18.04 -14.72
N VAL A 346 -9.80 -16.98 -13.96
CA VAL A 346 -10.42 -15.77 -14.48
C VAL A 346 -9.46 -14.59 -14.28
N SER A 347 -9.14 -13.87 -15.39
CA SER A 347 -8.34 -12.67 -15.31
C SER A 347 -9.24 -11.47 -15.06
N PHE A 348 -8.91 -10.62 -14.10
CA PHE A 348 -9.74 -9.49 -13.76
C PHE A 348 -9.68 -8.43 -14.83
N VAL A 349 -10.85 -8.01 -15.34
CA VAL A 349 -10.98 -6.89 -16.28
C VAL A 349 -12.09 -6.03 -15.66
N PRO A 350 -11.85 -4.74 -15.33
CA PRO A 350 -12.84 -3.99 -14.59
C PRO A 350 -14.17 -3.93 -15.37
N PRO A 351 -15.29 -4.04 -14.63
CA PRO A 351 -16.61 -3.99 -15.27
C PRO A 351 -17.03 -2.54 -15.59
N THR A 352 -18.03 -2.41 -16.45
CA THR A 352 -18.58 -1.10 -16.77
C THR A 352 -19.34 -0.46 -15.61
N VAL A 353 -20.13 -1.28 -14.92
CA VAL A 353 -20.89 -0.83 -13.76
C VAL A 353 -20.10 -1.25 -12.52
N PRO A 354 -19.75 -0.34 -11.62
CA PRO A 354 -19.02 -0.80 -10.44
C PRO A 354 -19.74 -1.88 -9.69
N VAL A 355 -18.97 -2.81 -9.12
CA VAL A 355 -19.59 -3.91 -8.37
C VAL A 355 -20.57 -3.41 -7.30
N LEU A 356 -20.17 -2.37 -6.54
CA LEU A 356 -21.08 -1.89 -5.49
C LEU A 356 -22.41 -1.43 -6.10
N LEU A 357 -22.35 -0.69 -7.22
CA LEU A 357 -23.58 -0.20 -7.87
C LEU A 357 -24.41 -1.37 -8.39
N GLN A 358 -23.76 -2.40 -8.93
CA GLN A 358 -24.55 -3.58 -9.35
C GLN A 358 -25.32 -4.17 -8.14
N ILE A 359 -24.66 -4.27 -6.99
CA ILE A 359 -25.32 -4.80 -5.77
C ILE A 359 -26.49 -3.89 -5.34
N LEU A 360 -26.24 -2.59 -5.31
CA LEU A 360 -27.31 -1.67 -4.89
C LEU A 360 -28.49 -1.67 -5.82
N SER A 361 -28.24 -1.98 -7.08
CA SER A 361 -29.33 -2.08 -8.08
C SER A 361 -30.07 -3.42 -8.03
N GLY A 362 -29.69 -4.32 -7.16
CA GLY A 362 -30.46 -5.54 -6.85
C GLY A 362 -29.83 -6.85 -7.23
N ALA A 363 -28.61 -6.88 -7.69
CA ALA A 363 -27.96 -8.11 -8.11
C ALA A 363 -27.54 -8.69 -6.82
N GLN A 364 -28.07 -9.81 -6.45
CA GLN A 364 -27.74 -10.35 -5.13
C GLN A 364 -27.14 -11.74 -5.05
N ASN A 365 -26.60 -12.29 -6.10
CA ASN A 365 -25.60 -13.29 -5.89
C ASN A 365 -24.43 -13.03 -6.70
N ALA A 366 -23.36 -13.61 -6.26
CA ALA A 366 -22.14 -13.26 -6.86
C ALA A 366 -22.01 -13.85 -8.23
N GLN A 367 -22.75 -14.92 -8.55
CA GLN A 367 -22.78 -15.42 -9.93
C GLN A 367 -23.48 -14.42 -10.93
N ASP A 368 -24.39 -13.58 -10.40
CA ASP A 368 -25.15 -12.45 -11.07
C ASP A 368 -24.15 -11.26 -11.33
C ASP A 368 -24.06 -11.40 -11.45
N LEU A 369 -22.98 -11.19 -10.68
N LEU A 369 -23.05 -11.15 -10.59
CA LEU A 369 -22.23 -9.96 -10.66
C LEU A 369 -21.17 -10.03 -11.72
N LEU A 370 -20.88 -8.87 -12.34
CA LEU A 370 -19.88 -8.74 -13.31
C LEU A 370 -18.63 -8.11 -12.73
N PRO A 371 -17.47 -8.56 -13.16
CA PRO A 371 -17.20 -9.53 -14.19
C PRO A 371 -17.49 -10.97 -13.76
N ALA A 372 -18.05 -11.76 -14.67
CA ALA A 372 -18.39 -13.14 -14.32
C ALA A 372 -17.15 -13.91 -13.88
N GLY A 373 -17.27 -14.57 -12.72
CA GLY A 373 -16.19 -15.37 -12.22
C GLY A 373 -15.16 -14.59 -11.40
N SER A 374 -15.25 -13.24 -11.42
CA SER A 374 -14.34 -12.40 -10.68
C SER A 374 -14.87 -11.94 -9.33
N VAL A 375 -16.11 -12.23 -9.02
CA VAL A 375 -16.74 -11.79 -7.77
C VAL A 375 -17.16 -13.05 -7.03
N ILE A 376 -16.65 -13.18 -5.79
CA ILE A 376 -16.93 -14.34 -4.96
C ILE A 376 -17.60 -13.85 -3.71
N SER A 377 -18.75 -14.46 -3.36
CA SER A 377 -19.45 -14.03 -2.18
C SER A 377 -18.79 -14.56 -0.93
N LEU A 378 -18.82 -13.79 0.16
CA LEU A 378 -18.47 -14.29 1.46
C LEU A 378 -19.70 -14.18 2.40
N PRO A 379 -19.91 -15.17 3.25
CA PRO A 379 -21.04 -15.14 4.18
C PRO A 379 -20.70 -14.22 5.33
N SER A 380 -21.73 -13.64 5.92
CA SER A 380 -21.55 -12.76 7.06
C SER A 380 -21.13 -13.50 8.32
N ASN A 381 -20.51 -12.76 9.22
CA ASN A 381 -20.19 -13.20 10.57
C ASN A 381 -19.53 -14.60 10.60
N SER A 382 -18.55 -14.78 9.73
CA SER A 382 -17.95 -16.07 9.48
C SER A 382 -16.43 -15.94 9.49
N VAL A 383 -15.77 -17.03 9.85
CA VAL A 383 -14.30 -17.09 9.71
C VAL A 383 -13.97 -17.51 8.31
N ILE A 384 -13.16 -16.68 7.63
CA ILE A 384 -12.68 -16.94 6.27
C ILE A 384 -11.21 -17.32 6.36
N GLU A 385 -10.82 -18.37 5.60
CA GLU A 385 -9.42 -18.67 5.40
C GLU A 385 -9.16 -18.61 3.91
N VAL A 386 -8.05 -17.97 3.53
CA VAL A 386 -7.68 -17.90 2.11
C VAL A 386 -6.25 -18.35 2.00
N ALA A 387 -6.01 -19.53 1.39
CA ALA A 387 -4.68 -19.94 1.02
C ALA A 387 -4.33 -19.37 -0.36
N LEU A 388 -3.10 -18.89 -0.44
CA LEU A 388 -2.62 -18.13 -1.63
C LEU A 388 -1.30 -18.77 -2.13
N PRO A 389 -1.35 -20.02 -2.63
CA PRO A 389 -0.10 -20.68 -2.98
C PRO A 389 0.61 -19.99 -4.12
N ALA A 390 1.90 -19.75 -3.93
CA ALA A 390 2.72 -19.03 -4.90
C ALA A 390 3.17 -19.93 -6.05
N GLY A 391 3.85 -19.31 -7.02
CA GLY A 391 4.33 -20.02 -8.21
C GLY A 391 4.17 -19.21 -9.43
N ALA A 392 3.14 -18.35 -9.47
CA ALA A 392 2.91 -17.49 -10.65
C ALA A 392 4.12 -16.60 -10.92
N ALA A 393 4.50 -16.47 -12.19
CA ALA A 393 5.63 -15.62 -12.56
C ALA A 393 5.50 -14.20 -12.01
N GLY A 394 6.68 -13.56 -11.89
CA GLY A 394 6.75 -12.21 -11.43
C GLY A 394 6.71 -12.05 -9.94
N GLY A 395 6.94 -13.16 -9.19
CA GLY A 395 6.92 -13.07 -7.71
C GLY A 395 8.15 -12.40 -7.17
N PRO A 396 8.19 -12.14 -5.87
CA PRO A 396 7.16 -12.53 -4.90
C PRO A 396 6.02 -11.50 -4.90
N HIS A 397 4.79 -12.01 -4.97
CA HIS A 397 3.64 -11.17 -5.10
C HIS A 397 3.10 -10.74 -3.75
N PRO A 398 2.96 -9.40 -3.51
CA PRO A 398 2.35 -8.93 -2.29
C PRO A 398 0.83 -8.81 -2.47
N PHE A 399 0.08 -9.65 -1.79
CA PHE A 399 -1.36 -9.62 -1.88
C PHE A 399 -1.96 -8.77 -0.77
N HIS A 400 -2.98 -8.00 -1.14
CA HIS A 400 -3.64 -7.07 -0.25
C HIS A 400 -5.15 -7.22 -0.37
N LEU A 401 -5.81 -7.14 0.81
CA LEU A 401 -7.27 -7.20 0.92
C LEU A 401 -7.77 -5.85 1.42
N HIS A 402 -8.70 -5.25 0.65
CA HIS A 402 -9.39 -4.06 1.13
C HIS A 402 -10.39 -4.43 2.24
N GLY A 403 -10.75 -3.42 3.05
CA GLY A 403 -11.83 -3.58 4.05
C GLY A 403 -11.45 -4.31 5.30
N HIS A 404 -10.23 -4.82 5.37
CA HIS A 404 -9.83 -5.78 6.39
C HIS A 404 -8.35 -5.77 6.61
N ASN A 405 -7.92 -6.16 7.81
CA ASN A 405 -6.63 -6.80 8.00
C ASN A 405 -6.88 -8.30 8.27
N PHE A 406 -5.80 -9.03 8.46
CA PHE A 406 -5.91 -10.48 8.54
C PHE A 406 -4.77 -11.03 9.33
N ALA A 407 -5.01 -12.20 9.94
CA ALA A 407 -3.93 -13.00 10.55
C ALA A 407 -3.14 -13.69 9.45
N VAL A 408 -1.81 -13.59 9.51
CA VAL A 408 -0.96 -14.30 8.55
C VAL A 408 -0.62 -15.66 9.18
N VAL A 409 -1.50 -16.61 8.93
CA VAL A 409 -1.33 -17.96 9.52
C VAL A 409 -0.12 -18.66 8.94
N GLN A 410 0.27 -18.39 7.72
CA GLN A 410 1.47 -19.00 7.15
C GLN A 410 2.16 -17.92 6.34
N SER A 411 3.47 -17.80 6.51
CA SER A 411 4.30 -16.81 5.85
C SER A 411 5.15 -17.41 4.76
N ALA A 412 5.79 -16.54 3.98
CA ALA A 412 6.71 -16.96 2.93
C ALA A 412 7.88 -17.76 3.51
N ASN A 413 8.29 -18.76 2.71
CA ASN A 413 9.51 -19.48 2.94
C ASN A 413 9.55 -20.31 4.21
N ASN A 414 8.41 -20.62 4.76
CA ASN A 414 8.30 -21.42 5.98
C ASN A 414 7.01 -22.18 5.88
N ALA A 415 7.08 -23.52 5.91
CA ALA A 415 5.90 -24.36 5.70
C ALA A 415 5.06 -24.52 6.96
N THR A 416 5.49 -23.98 8.07
CA THR A 416 4.77 -24.21 9.34
C THR A 416 3.73 -23.07 9.58
N PRO A 417 2.44 -23.42 9.73
CA PRO A 417 1.47 -22.42 10.07
C PRO A 417 1.52 -22.05 11.53
N ASN A 418 0.90 -20.93 11.88
CA ASN A 418 0.86 -20.43 13.25
C ASN A 418 -0.58 -20.04 13.56
N TYR A 419 -1.23 -20.88 14.39
CA TYR A 419 -2.60 -20.65 14.78
C TYR A 419 -2.71 -20.00 16.15
N VAL A 420 -1.57 -19.54 16.70
CA VAL A 420 -1.52 -19.00 18.05
C VAL A 420 -1.37 -17.48 18.07
N ASN A 421 -0.26 -16.98 17.52
CA ASN A 421 0.08 -15.59 17.67
C ASN A 421 0.77 -14.93 16.47
N PRO A 422 0.32 -15.28 15.25
CA PRO A 422 0.95 -14.59 14.10
C PRO A 422 0.61 -13.12 14.06
N ILE A 423 1.47 -12.35 13.38
CA ILE A 423 1.11 -11.00 13.06
C ILE A 423 -0.16 -10.93 12.27
N TRP A 424 -0.88 -9.78 12.45
CA TRP A 424 -1.96 -9.36 11.58
C TRP A 424 -1.45 -8.21 10.72
N ARG A 425 -1.88 -8.16 9.45
CA ARG A 425 -1.46 -7.10 8.57
C ARG A 425 -2.44 -6.99 7.42
N ASP A 426 -2.13 -6.10 6.43
CA ASP A 426 -3.06 -5.99 5.27
C ASP A 426 -2.47 -6.31 3.92
N THR A 427 -1.14 -6.46 3.86
CA THR A 427 -0.46 -6.76 2.57
C THR A 427 0.60 -7.79 2.93
N VAL A 428 0.63 -8.91 2.22
CA VAL A 428 1.55 -10.01 2.61
C VAL A 428 2.21 -10.57 1.36
N SER A 429 3.52 -10.77 1.41
CA SER A 429 4.17 -11.52 0.35
C SER A 429 3.74 -12.96 0.40
N ILE A 430 3.30 -13.48 -0.76
CA ILE A 430 2.93 -14.91 -0.84
C ILE A 430 4.14 -15.80 -1.16
N GLY A 431 5.36 -15.23 -1.26
CA GLY A 431 6.54 -16.05 -1.25
C GLY A 431 6.91 -16.65 -2.57
N GLY A 432 7.49 -17.84 -2.48
CA GLY A 432 8.10 -18.49 -3.61
C GLY A 432 7.48 -19.82 -3.92
N THR A 433 8.00 -20.48 -4.95
CA THR A 433 7.41 -21.71 -5.44
C THR A 433 7.32 -22.74 -4.29
N GLY A 434 6.13 -23.35 -4.18
CA GLY A 434 5.82 -24.31 -3.14
C GLY A 434 5.31 -23.71 -1.83
N ASP A 435 5.36 -22.41 -1.68
CA ASP A 435 4.83 -21.81 -0.46
C ASP A 435 3.31 -21.87 -0.42
N ASN A 436 2.77 -21.68 0.81
CA ASN A 436 1.34 -21.68 1.00
C ASN A 436 0.92 -20.65 2.01
N VAL A 437 1.28 -19.40 1.71
CA VAL A 437 0.86 -18.27 2.52
C VAL A 437 -0.65 -18.28 2.62
N THR A 438 -1.10 -18.12 3.88
CA THR A 438 -2.51 -18.27 4.19
C THR A 438 -2.92 -17.18 5.18
N ILE A 439 -4.11 -16.61 4.91
CA ILE A 439 -4.62 -15.51 5.74
C ILE A 439 -5.96 -15.94 6.31
N ARG A 440 -6.34 -15.32 7.44
CA ARG A 440 -7.67 -15.50 8.05
C ARG A 440 -8.24 -14.18 8.54
N PHE A 441 -9.55 -14.05 8.47
CA PHE A 441 -10.26 -12.88 9.01
C PHE A 441 -11.70 -13.29 9.23
N THR A 442 -12.44 -12.43 9.92
CA THR A 442 -13.87 -12.64 10.16
C THR A 442 -14.65 -11.60 9.39
N THR A 443 -15.76 -12.00 8.80
CA THR A 443 -16.59 -11.07 7.99
C THR A 443 -17.62 -10.20 8.72
C THR A 443 -17.43 -10.31 9.01
N ASN A 444 -17.16 -9.05 9.16
CA ASN A 444 -18.00 -8.13 9.90
C ASN A 444 -18.09 -6.74 9.21
N ASN A 445 -17.95 -6.74 7.91
CA ASN A 445 -17.87 -5.53 7.12
C ASN A 445 -18.52 -5.69 5.75
N PRO A 446 -19.86 -5.54 5.67
CA PRO A 446 -20.52 -5.80 4.41
C PRO A 446 -20.07 -4.84 3.29
N GLY A 447 -19.81 -5.43 2.13
CA GLY A 447 -19.47 -4.68 0.94
C GLY A 447 -18.51 -5.44 0.04
N PRO A 448 -18.31 -4.93 -1.20
CA PRO A 448 -17.36 -5.55 -2.12
C PRO A 448 -15.94 -5.06 -1.82
N TRP A 449 -15.08 -6.00 -1.46
CA TRP A 449 -13.70 -5.71 -1.09
C TRP A 449 -12.73 -6.37 -2.07
N PHE A 450 -11.87 -5.52 -2.66
CA PHE A 450 -10.93 -5.98 -3.63
C PHE A 450 -9.80 -6.77 -2.96
N LEU A 451 -9.42 -7.90 -3.57
CA LEU A 451 -8.26 -8.71 -3.17
C LEU A 451 -7.33 -8.76 -4.39
N HIS A 452 -6.10 -8.29 -4.26
CA HIS A 452 -5.27 -8.17 -5.44
C HIS A 452 -3.81 -8.13 -5.11
N CYS A 453 -2.99 -8.49 -6.11
CA CYS A 453 -1.57 -8.24 -6.03
C CYS A 453 -1.32 -6.75 -6.09
N HIS A 454 -0.40 -6.26 -5.24
CA HIS A 454 -0.10 -4.82 -5.14
C HIS A 454 1.06 -4.37 -6.00
N ILE A 455 1.61 -5.25 -6.81
CA ILE A 455 2.45 -4.84 -7.95
C ILE A 455 1.45 -4.34 -9.00
N ASP A 456 1.47 -3.03 -9.23
CA ASP A 456 0.39 -2.41 -9.98
C ASP A 456 0.32 -2.93 -11.39
N TRP A 457 1.50 -3.27 -11.99
CA TRP A 457 1.53 -3.81 -13.32
C TRP A 457 0.76 -5.15 -13.36
N HIS A 458 0.80 -5.93 -12.25
CA HIS A 458 0.12 -7.21 -12.19
C HIS A 458 -1.39 -7.03 -12.00
N LEU A 459 -1.77 -6.06 -11.17
CA LEU A 459 -3.20 -5.71 -11.05
C LEU A 459 -3.76 -5.35 -12.41
N GLU A 460 -3.05 -4.50 -13.14
CA GLU A 460 -3.50 -4.08 -14.48
C GLU A 460 -3.67 -5.26 -15.41
N ALA A 461 -2.77 -6.26 -15.25
CA ALA A 461 -2.78 -7.49 -16.03
C ALA A 461 -3.73 -8.58 -15.46
N GLY A 462 -4.58 -8.21 -14.48
CA GLY A 462 -5.68 -9.04 -14.09
C GLY A 462 -5.56 -9.83 -12.79
N PHE A 463 -4.57 -9.51 -11.95
CA PHE A 463 -4.32 -10.36 -10.76
C PHE A 463 -5.14 -9.86 -9.56
N ALA A 464 -6.46 -10.18 -9.64
CA ALA A 464 -7.43 -9.65 -8.67
C ALA A 464 -8.71 -10.44 -8.71
N ILE A 465 -9.44 -10.39 -7.59
CA ILE A 465 -10.83 -10.82 -7.49
C ILE A 465 -11.50 -9.86 -6.52
N VAL A 466 -12.81 -9.89 -6.51
CA VAL A 466 -13.60 -9.09 -5.53
C VAL A 466 -14.33 -10.04 -4.59
N PHE A 467 -14.16 -9.81 -3.29
CA PHE A 467 -14.93 -10.55 -2.28
C PHE A 467 -16.18 -9.69 -2.00
N ALA A 468 -17.34 -10.17 -2.43
CA ALA A 468 -18.61 -9.52 -2.16
C ALA A 468 -19.06 -10.02 -0.80
N GLU A 469 -18.63 -9.32 0.26
CA GLU A 469 -18.89 -9.74 1.63
C GLU A 469 -20.31 -9.36 2.02
N ASP A 470 -21.08 -10.32 2.47
CA ASP A 470 -22.45 -10.08 2.95
C ASP A 470 -23.23 -9.22 1.94
N ILE A 471 -23.40 -9.76 0.75
CA ILE A 471 -24.25 -9.10 -0.27
C ILE A 471 -25.60 -8.67 0.32
N PRO A 472 -26.31 -9.55 1.06
CA PRO A 472 -27.65 -9.13 1.54
C PRO A 472 -27.70 -7.88 2.36
N ASP A 473 -26.66 -7.57 3.11
CA ASP A 473 -26.64 -6.43 4.00
C ASP A 473 -25.84 -5.24 3.41
N THR A 474 -25.30 -5.32 2.14
CA THR A 474 -24.52 -4.32 1.63
C THR A 474 -25.25 -2.98 1.51
N ALA A 475 -26.48 -3.01 1.01
CA ALA A 475 -27.25 -1.77 0.81
C ALA A 475 -27.57 -1.12 2.15
N SER A 476 -28.09 -1.85 3.11
CA SER A 476 -28.48 -1.26 4.40
C SER A 476 -27.22 -0.76 5.11
N ALA A 477 -26.08 -1.45 4.99
CA ALA A 477 -24.93 -1.09 5.73
C ALA A 477 -24.18 0.13 5.16
N ASN A 478 -24.33 0.40 3.88
CA ASN A 478 -23.56 1.42 3.18
C ASN A 478 -24.44 2.46 2.45
N PRO A 479 -25.24 3.22 3.20
CA PRO A 479 -25.98 4.32 2.54
C PRO A 479 -25.05 5.22 1.74
N VAL A 480 -25.47 5.61 0.55
CA VAL A 480 -24.60 6.35 -0.35
C VAL A 480 -25.05 7.80 -0.50
N PRO A 481 -24.10 8.72 -0.59
CA PRO A 481 -24.46 10.14 -0.80
C PRO A 481 -24.80 10.41 -2.20
N GLN A 482 -25.57 11.51 -2.44
CA GLN A 482 -25.92 11.83 -3.79
C GLN A 482 -24.71 12.01 -4.73
N ALA A 483 -23.65 12.61 -4.20
CA ALA A 483 -22.47 12.81 -5.04
C ALA A 483 -21.92 11.49 -5.55
N TRP A 484 -21.99 10.42 -4.78
CA TRP A 484 -21.55 9.12 -5.23
C TRP A 484 -22.47 8.60 -6.34
N SER A 485 -23.80 8.73 -6.10
CA SER A 485 -24.76 8.33 -7.10
C SER A 485 -24.58 9.07 -8.45
N ASP A 486 -24.04 10.27 -8.36
CA ASP A 486 -23.82 11.08 -9.55
C ASP A 486 -22.57 10.65 -10.34
N LEU A 487 -21.68 9.89 -9.76
CA LEU A 487 -20.39 9.62 -10.40
C LEU A 487 -20.55 8.85 -11.69
N CYS A 488 -21.28 7.72 -11.69
CA CYS A 488 -21.31 6.91 -12.90
C CYS A 488 -22.08 7.61 -14.02
N PRO A 489 -23.19 8.28 -13.75
CA PRO A 489 -23.82 9.01 -14.89
C PRO A 489 -22.88 10.05 -15.50
N ALA A 490 -22.13 10.78 -14.64
CA ALA A 490 -21.20 11.80 -15.17
C ALA A 490 -20.05 11.14 -15.98
N TYR A 491 -19.52 10.05 -15.44
CA TYR A 491 -18.42 9.37 -16.12
C TYR A 491 -18.84 8.77 -17.41
N ASP A 492 -19.98 8.09 -17.41
CA ASP A 492 -20.45 7.43 -18.62
C ASP A 492 -20.81 8.48 -19.69
N GLN A 493 -21.40 9.60 -19.29
CA GLN A 493 -21.66 10.68 -20.27
C GLN A 493 -20.37 11.19 -20.84
N ALA A 494 -19.38 11.43 -20.00
CA ALA A 494 -18.15 12.06 -20.48
C ALA A 494 -17.42 11.17 -21.49
N HIS A 495 -17.55 9.87 -21.31
CA HIS A 495 -16.85 8.86 -22.06
C HIS A 495 -17.72 8.20 -23.14
N ASN A 496 -18.94 8.70 -23.30
CA ASN A 496 -19.91 8.10 -24.26
C ASN A 496 -20.09 6.57 -24.09
N ILE A 497 -20.34 6.17 -22.83
CA ILE A 497 -20.65 4.79 -22.45
C ILE A 497 -22.16 4.65 -22.22
N SER A 498 -22.80 3.67 -22.86
CA SER A 498 -24.15 3.30 -22.40
C SER A 498 -24.18 2.09 -21.44
N ALA A 499 -25.11 2.11 -20.48
CA ALA A 499 -25.27 1.10 -19.42
C ALA A 499 -26.65 1.26 -18.76
#